data_9HT6
#
_entry.id   9HT6
#
_cell.length_a   51.420
_cell.length_b   62.670
_cell.length_c   97.610
_cell.angle_alpha   90.000
_cell.angle_beta   90.000
_cell.angle_gamma   90.000
#
_symmetry.space_group_name_H-M   'P 21 21 21'
#
loop_
_entity.id
_entity.type
_entity.pdbx_description
1 polymer 'CD82 antigen'
2 non-polymer DI(HYDROXYETHYL)ETHER
3 water water
#
_entity_poly.entity_id   1
_entity_poly.type   'polypeptide(L)'
_entity_poly.pdbx_seq_one_letter_code
;GRSNMGKLKQEMGGIVTELIRDYQSSREDSLQDAWDYVQAQVKCCGWVSFYQWTDNAELMNRPEVTYPCSCEVKGEEDNS
LSVRKGFCEAPGQRTQSGNHPEDWPVYQEGCMEKVQAWLQENL
;
_entity_poly.pdbx_strand_id   A,B
#
# COMPACT_ATOMS: atom_id res chain seq x y z
N ARG A 2 -14.81 4.56 17.16
CA ARG A 2 -13.53 4.73 16.46
C ARG A 2 -13.61 5.95 15.55
N SER A 3 -12.46 6.61 15.34
CA SER A 3 -12.40 7.80 14.53
C SER A 3 -12.66 7.47 13.06
N ASN A 4 -12.79 8.53 12.25
CA ASN A 4 -13.03 8.33 10.82
C ASN A 4 -11.86 7.64 10.14
N MET A 5 -10.64 7.86 10.64
CA MET A 5 -9.48 7.17 10.08
C MET A 5 -9.43 5.71 10.48
N GLY A 6 -9.85 5.39 11.71
CA GLY A 6 -9.89 4.00 12.13
C GLY A 6 -10.86 3.18 11.33
N LYS A 7 -11.98 3.78 10.93
CA LYS A 7 -12.97 3.05 10.14
C LYS A 7 -12.54 2.90 8.68
N LEU A 8 -11.70 3.81 8.18
CA LEU A 8 -11.04 3.57 6.90
C LEU A 8 -9.98 2.48 7.05
N LYS A 9 -9.30 2.45 8.19
CA LYS A 9 -8.30 1.42 8.44
C LYS A 9 -8.94 0.03 8.50
N GLN A 10 -10.10 -0.06 9.14
CA GLN A 10 -10.80 -1.36 9.22
C GLN A 10 -11.34 -1.77 7.85
N GLU A 11 -11.87 -0.82 7.07
CA GLU A 11 -12.34 -1.15 5.73
C GLU A 11 -11.18 -1.58 4.84
N MET A 12 -10.02 -0.94 5.01
CA MET A 12 -8.82 -1.38 4.28
C MET A 12 -8.45 -2.81 4.68
N GLY A 13 -8.47 -3.11 5.98
CA GLY A 13 -8.22 -4.46 6.43
C GLY A 13 -9.24 -5.46 5.93
N GLY A 14 -10.48 -5.00 5.71
CA GLY A 14 -11.49 -5.88 5.15
C GLY A 14 -11.19 -6.26 3.72
N ILE A 15 -10.67 -5.31 2.93
CA ILE A 15 -10.30 -5.60 1.55
C ILE A 15 -9.19 -6.63 1.50
N VAL A 16 -8.16 -6.45 2.33
CA VAL A 16 -7.02 -7.37 2.34
C VAL A 16 -7.47 -8.78 2.72
N THR A 17 -8.38 -8.88 3.69
CA THR A 17 -8.88 -10.18 4.09
C THR A 17 -9.59 -10.89 2.94
N GLU A 18 -10.44 -10.18 2.22
CA GLU A 18 -11.09 -10.76 1.05
C GLU A 18 -10.11 -11.00 -0.09
N LEU A 19 -9.12 -10.11 -0.23
CA LEU A 19 -8.07 -10.32 -1.22
C LEU A 19 -7.31 -11.62 -0.98
N ILE A 20 -6.97 -11.88 0.29
CA ILE A 20 -6.28 -13.13 0.63
C ILE A 20 -7.18 -14.32 0.33
N ARG A 21 -8.48 -14.21 0.60
CA ARG A 21 -9.41 -15.30 0.35
C ARG A 21 -9.52 -15.60 -1.14
N ASP A 22 -9.63 -14.56 -1.97
CA ASP A 22 -9.84 -14.72 -3.41
C ASP A 22 -8.54 -14.83 -4.19
N TYR A 23 -7.39 -14.83 -3.51
CA TYR A 23 -6.10 -14.88 -4.19
C TYR A 23 -5.97 -16.13 -5.02
N GLN A 24 -5.70 -15.94 -6.31
CA GLN A 24 -5.47 -17.03 -7.25
C GLN A 24 -4.01 -16.99 -7.71
N SER A 25 -3.31 -18.11 -7.53
CA SER A 25 -1.87 -18.15 -7.80
C SER A 25 -1.54 -17.92 -9.26
N SER A 26 -2.46 -18.20 -10.18
CA SER A 26 -2.18 -18.09 -11.61
C SER A 26 -2.59 -16.76 -12.22
N ARG A 27 -3.49 -16.02 -11.59
CA ARG A 27 -4.00 -14.78 -12.18
C ARG A 27 -3.01 -13.65 -11.97
N GLU A 28 -2.82 -12.84 -13.03
CA GLU A 28 -1.99 -11.64 -12.96
C GLU A 28 -2.91 -10.46 -12.68
N ASP A 29 -2.79 -9.89 -11.48
CA ASP A 29 -3.67 -8.82 -11.03
C ASP A 29 -2.86 -7.80 -10.23
N SER A 30 -3.14 -6.52 -10.45
CA SER A 30 -2.36 -5.47 -9.81
C SER A 30 -2.61 -5.43 -8.31
N LEU A 31 -3.85 -5.72 -7.87
CA LEU A 31 -4.13 -5.71 -6.45
C LEU A 31 -3.44 -6.88 -5.74
N GLN A 32 -3.41 -8.05 -6.38
CA GLN A 32 -2.63 -9.15 -5.84
C GLN A 32 -1.14 -8.81 -5.82
N ASP A 33 -0.65 -8.12 -6.86
CA ASP A 33 0.74 -7.71 -6.90
C ASP A 33 1.06 -6.77 -5.76
N ALA A 34 0.18 -5.81 -5.48
CA ALA A 34 0.42 -4.85 -4.40
C ALA A 34 0.50 -5.54 -3.05
N TRP A 35 -0.33 -6.56 -2.84
CA TRP A 35 -0.29 -7.26 -1.55
C TRP A 35 0.96 -8.11 -1.42
N ASP A 36 1.35 -8.80 -2.50
CA ASP A 36 2.59 -9.57 -2.48
C ASP A 36 3.78 -8.67 -2.19
N TYR A 37 3.75 -7.42 -2.70
CA TYR A 37 4.83 -6.49 -2.44
C TYR A 37 4.91 -6.13 -0.96
N VAL A 38 3.75 -5.92 -0.32
CA VAL A 38 3.73 -5.54 1.08
C VAL A 38 4.27 -6.68 1.95
N GLN A 39 3.82 -7.90 1.69
CA GLN A 39 4.26 -9.04 2.50
C GLN A 39 5.76 -9.29 2.36
N ALA A 40 6.29 -9.09 1.15
CA ALA A 40 7.71 -9.37 0.94
C ALA A 40 8.60 -8.25 1.48
N GLN A 41 8.17 -7.00 1.37
CA GLN A 41 9.01 -5.87 1.76
C GLN A 41 8.90 -5.59 3.25
N VAL A 42 7.66 -5.52 3.78
CA VAL A 42 7.49 -5.30 5.21
C VAL A 42 7.85 -6.57 5.98
N LYS A 43 7.92 -7.71 5.31
CA LYS A 43 8.24 -9.00 5.91
C LYS A 43 7.17 -9.40 6.94
N CYS A 44 6.00 -9.73 6.38
CA CYS A 44 4.85 -10.12 7.19
C CYS A 44 3.98 -11.04 6.34
N CYS A 45 3.03 -11.71 7.00
CA CYS A 45 2.15 -12.63 6.32
C CYS A 45 0.73 -12.48 6.86
N GLY A 46 -0.22 -12.33 5.94
CA GLY A 46 -1.60 -12.07 6.33
C GLY A 46 -1.76 -10.65 6.85
N TRP A 47 -3.01 -10.32 7.20
CA TRP A 47 -3.31 -9.02 7.79
C TRP A 47 -3.16 -9.10 9.31
N VAL A 48 -4.09 -9.80 9.97
CA VAL A 48 -3.97 -10.01 11.41
C VAL A 48 -2.93 -11.09 11.70
N SER A 49 -2.95 -12.19 10.95
CA SER A 49 -1.98 -13.27 11.14
C SER A 49 -1.96 -14.11 9.88
N PHE A 50 -0.92 -14.95 9.76
CA PHE A 50 -0.80 -15.80 8.58
C PHE A 50 -1.90 -16.85 8.49
N TYR A 51 -2.64 -17.09 9.57
CA TYR A 51 -3.73 -18.05 9.54
C TYR A 51 -4.89 -17.58 8.66
N GLN A 52 -4.93 -16.29 8.31
CA GLN A 52 -5.94 -15.82 7.37
C GLN A 52 -5.76 -16.42 5.98
N TRP A 53 -4.56 -16.88 5.64
CA TRP A 53 -4.36 -17.56 4.37
C TRP A 53 -5.03 -18.92 4.33
N THR A 54 -5.37 -19.49 5.49
CA THR A 54 -6.12 -20.74 5.53
C THR A 54 -7.55 -20.58 5.04
N ASP A 55 -8.02 -19.34 4.84
CA ASP A 55 -9.31 -19.11 4.23
C ASP A 55 -9.25 -19.18 2.71
N ASN A 56 -8.05 -19.32 2.14
CA ASN A 56 -7.89 -19.52 0.71
C ASN A 56 -8.12 -21.00 0.41
N ALA A 57 -9.25 -21.32 -0.24
CA ALA A 57 -9.58 -22.72 -0.50
C ALA A 57 -8.55 -23.37 -1.43
N GLU A 58 -8.10 -22.63 -2.45
CA GLU A 58 -7.12 -23.18 -3.38
C GLU A 58 -5.81 -23.52 -2.68
N LEU A 59 -5.41 -22.69 -1.71
CA LEU A 59 -4.17 -22.94 -0.99
C LEU A 59 -4.28 -24.16 -0.09
N MET A 60 -5.38 -24.27 0.66
CA MET A 60 -5.55 -25.38 1.59
C MET A 60 -5.94 -26.68 0.92
N ASN A 61 -6.29 -26.66 -0.36
CA ASN A 61 -6.60 -27.87 -1.10
C ASN A 61 -5.36 -28.50 -1.73
N ARG A 62 -4.17 -27.96 -1.45
CA ARG A 62 -2.95 -28.49 -2.01
C ARG A 62 -2.50 -29.75 -1.27
N PRO A 63 -1.98 -30.76 -1.97
CA PRO A 63 -1.55 -31.98 -1.29
C PRO A 63 -0.25 -31.83 -0.51
N GLU A 64 0.55 -30.82 -0.81
CA GLU A 64 1.82 -30.59 -0.13
C GLU A 64 1.76 -29.31 0.69
N VAL A 65 2.78 -29.13 1.54
CA VAL A 65 2.93 -27.90 2.31
C VAL A 65 3.15 -26.76 1.33
N THR A 66 2.13 -25.91 1.16
CA THR A 66 2.16 -24.84 0.18
C THR A 66 1.81 -23.53 0.86
N TYR A 67 2.52 -22.47 0.51
CA TYR A 67 2.40 -21.18 1.17
C TYR A 67 2.61 -20.09 0.13
N PRO A 68 2.17 -18.86 0.42
CA PRO A 68 2.42 -17.76 -0.52
C PRO A 68 3.91 -17.44 -0.59
N CYS A 69 4.42 -17.26 -1.81
CA CYS A 69 5.85 -17.02 -1.99
C CYS A 69 6.27 -15.70 -1.36
N SER A 70 5.40 -14.68 -1.43
CA SER A 70 5.75 -13.39 -0.86
C SER A 70 5.86 -13.43 0.66
N CYS A 71 5.21 -14.40 1.31
CA CYS A 71 5.34 -14.55 2.75
C CYS A 71 6.65 -15.23 3.17
N GLU A 72 7.34 -15.87 2.23
CA GLU A 72 8.46 -16.72 2.57
C GLU A 72 9.61 -15.93 3.18
N VAL A 73 10.22 -16.49 4.22
CA VAL A 73 11.40 -15.90 4.83
C VAL A 73 12.55 -15.96 3.83
N LYS A 74 13.14 -14.81 3.54
CA LYS A 74 14.21 -14.73 2.56
C LYS A 74 15.11 -13.55 2.90
N GLY A 75 16.37 -13.64 2.47
CA GLY A 75 17.28 -12.55 2.71
C GLY A 75 17.04 -11.38 1.78
N GLU A 76 17.58 -10.22 2.17
CA GLU A 76 17.44 -9.01 1.39
C GLU A 76 18.56 -8.92 0.36
N GLU A 77 18.19 -8.72 -0.90
CA GLU A 77 19.18 -8.64 -1.97
C GLU A 77 19.75 -7.23 -2.05
N ASP A 78 20.91 -7.12 -2.68
CA ASP A 78 21.54 -5.82 -2.91
C ASP A 78 20.82 -5.10 -4.05
N ASN A 79 20.20 -3.97 -3.75
CA ASN A 79 19.54 -3.12 -4.75
C ASN A 79 18.61 -3.93 -5.64
N SER A 80 17.66 -4.62 -5.01
CA SER A 80 16.73 -5.46 -5.75
C SER A 80 15.48 -5.67 -4.92
N LEU A 81 14.32 -5.41 -5.52
CA LEU A 81 13.04 -5.67 -4.89
C LEU A 81 12.53 -7.05 -5.32
N SER A 82 13.22 -8.07 -4.81
CA SER A 82 12.91 -9.46 -5.14
C SER A 82 11.61 -9.85 -4.46
N VAL A 83 10.52 -9.91 -5.25
CA VAL A 83 9.20 -10.25 -4.75
C VAL A 83 8.67 -11.39 -5.62
N ARG A 84 8.46 -12.55 -5.01
CA ARG A 84 7.94 -13.72 -5.69
C ARG A 84 6.43 -13.80 -5.47
N LYS A 85 5.69 -14.05 -6.56
CA LYS A 85 4.24 -14.15 -6.50
C LYS A 85 3.81 -15.61 -6.49
N GLY A 86 2.51 -15.83 -6.33
CA GLY A 86 1.96 -17.16 -6.42
C GLY A 86 2.14 -17.96 -5.13
N PHE A 87 2.02 -19.27 -5.26
CA PHE A 87 2.16 -20.20 -4.14
C PHE A 87 3.48 -20.96 -4.26
N CYS A 88 4.10 -21.21 -3.12
CA CYS A 88 5.39 -21.88 -3.04
C CYS A 88 5.26 -23.17 -2.24
N GLU A 89 5.85 -24.24 -2.77
CA GLU A 89 5.87 -25.53 -2.08
C GLU A 89 7.15 -25.66 -1.26
N ALA A 90 6.99 -26.13 -0.02
CA ALA A 90 8.11 -26.16 0.91
C ALA A 90 9.20 -27.11 0.42
N PRO A 91 10.49 -26.78 0.63
CA PRO A 91 11.60 -27.65 0.24
C PRO A 91 11.66 -28.92 1.06
N GLN A 93 10.87 -33.12 -2.71
CA GLN A 93 10.10 -34.30 -2.33
C GLN A 93 9.76 -34.27 -0.84
N ARG A 94 8.50 -34.51 -0.52
CA ARG A 94 8.03 -34.49 0.86
C ARG A 94 6.80 -35.38 0.97
N THR A 95 6.29 -35.53 2.19
CA THR A 95 5.13 -36.38 2.42
C THR A 95 3.86 -35.70 1.94
N GLN A 96 3.01 -36.45 1.25
CA GLN A 96 1.76 -35.93 0.70
C GLN A 96 0.63 -36.02 1.73
N SER A 97 0.88 -35.43 2.89
CA SER A 97 -0.05 -35.45 4.01
C SER A 97 -0.88 -34.17 4.13
N GLY A 98 -1.04 -33.44 3.03
CA GLY A 98 -1.83 -32.22 3.03
C GLY A 98 -1.02 -30.97 3.36
N ASN A 99 -1.71 -29.84 3.27
CA ASN A 99 -1.11 -28.55 3.57
C ASN A 99 -1.19 -28.26 5.06
N HIS A 100 -0.06 -27.89 5.65
CA HIS A 100 0.03 -27.62 7.08
C HIS A 100 0.54 -26.20 7.31
N PRO A 101 -0.30 -25.26 7.74
CA PRO A 101 0.17 -23.88 7.94
C PRO A 101 1.25 -23.78 9.01
N GLU A 102 1.24 -24.67 9.99
CA GLU A 102 2.29 -24.69 11.01
C GLU A 102 3.65 -25.08 10.45
N ASP A 103 3.73 -25.48 9.18
CA ASP A 103 4.97 -25.80 8.51
C ASP A 103 5.44 -24.69 7.57
N TRP A 104 4.68 -23.62 7.42
CA TRP A 104 5.03 -22.57 6.48
C TRP A 104 6.28 -21.83 6.94
N PRO A 105 7.35 -21.77 6.14
CA PRO A 105 8.52 -20.94 6.45
C PRO A 105 8.29 -19.47 6.16
N VAL A 106 7.21 -18.93 6.72
CA VAL A 106 6.76 -17.59 6.41
C VAL A 106 6.93 -16.69 7.64
N TYR A 107 6.84 -15.38 7.41
CA TYR A 107 6.94 -14.44 8.51
C TYR A 107 5.76 -14.63 9.47
N GLN A 108 6.07 -14.71 10.77
CA GLN A 108 5.08 -15.05 11.78
C GLN A 108 4.25 -13.85 12.22
N GLU A 109 4.58 -12.66 11.74
CA GLU A 109 3.88 -11.44 12.13
C GLU A 109 2.90 -11.03 11.04
N GLY A 110 1.71 -10.58 11.47
CA GLY A 110 0.75 -10.06 10.52
C GLY A 110 1.15 -8.69 10.00
N CYS A 111 0.67 -8.38 8.79
CA CYS A 111 1.03 -7.10 8.19
C CYS A 111 0.31 -5.92 8.83
N MET A 112 -0.83 -6.15 9.48
CA MET A 112 -1.52 -5.06 10.16
C MET A 112 -0.63 -4.45 11.23
N GLU A 113 -0.05 -5.27 12.10
CA GLU A 113 0.78 -4.75 13.18
C GLU A 113 2.13 -4.29 12.65
N LYS A 114 2.72 -5.01 11.69
CA LYS A 114 4.08 -4.72 11.26
C LYS A 114 4.17 -3.51 10.34
N VAL A 115 3.12 -3.24 9.55
CA VAL A 115 3.17 -2.09 8.65
C VAL A 115 3.19 -0.79 9.45
N GLN A 116 2.37 -0.69 10.50
CA GLN A 116 2.38 0.50 11.34
C GLN A 116 3.75 0.69 11.99
N ALA A 117 4.37 -0.39 12.45
CA ALA A 117 5.70 -0.30 13.02
C ALA A 117 6.71 0.17 11.99
N TRP A 118 6.59 -0.31 10.75
CA TRP A 118 7.49 0.11 9.69
C TRP A 118 7.28 1.59 9.36
N LEU A 119 6.04 2.06 9.41
CA LEU A 119 5.76 3.46 9.13
C LEU A 119 6.19 4.36 10.28
N GLN A 120 5.99 3.91 11.51
CA GLN A 120 6.33 4.72 12.68
C GLN A 120 7.82 4.77 12.97
N GLU A 121 8.65 4.02 12.25
CA GLU A 121 10.08 4.00 12.50
C GLU A 121 10.86 4.88 11.53
N ASN A 122 10.65 4.70 10.23
CA ASN A 122 11.37 5.47 9.22
C ASN A 122 10.48 6.47 8.49
N LEU A 123 9.22 6.59 8.88
CA LEU A 123 8.30 7.58 8.32
C LEU A 123 8.16 7.46 6.80
N ASN B 4 -14.73 -10.38 -8.76
CA ASN B 4 -14.53 -10.10 -7.34
C ASN B 4 -13.37 -9.14 -7.14
N MET B 5 -12.40 -9.17 -8.06
CA MET B 5 -11.27 -8.25 -7.99
C MET B 5 -11.65 -6.84 -8.40
N GLY B 6 -12.57 -6.69 -9.35
CA GLY B 6 -13.04 -5.36 -9.72
C GLY B 6 -13.76 -4.68 -8.56
N LYS B 7 -14.44 -5.46 -7.73
CA LYS B 7 -15.09 -4.89 -6.55
C LYS B 7 -14.06 -4.41 -5.53
N LEU B 8 -13.01 -5.20 -5.30
CA LEU B 8 -12.02 -4.82 -4.31
C LEU B 8 -11.21 -3.61 -4.75
N LYS B 9 -10.93 -3.51 -6.06
CA LYS B 9 -10.20 -2.35 -6.57
C LYS B 9 -11.01 -1.07 -6.40
N GLN B 10 -12.33 -1.14 -6.66
CA GLN B 10 -13.16 0.05 -6.52
C GLN B 10 -13.28 0.46 -5.06
N GLU B 11 -13.40 -0.52 -4.15
CA GLU B 11 -13.43 -0.20 -2.73
C GLU B 11 -12.11 0.38 -2.27
N MET B 12 -10.99 -0.11 -2.82
CA MET B 12 -9.69 0.47 -2.52
C MET B 12 -9.61 1.93 -2.96
N GLY B 13 -10.06 2.22 -4.18
CA GLY B 13 -10.08 3.59 -4.65
C GLY B 13 -11.01 4.48 -3.86
N GLY B 14 -12.11 3.92 -3.35
CA GLY B 14 -13.02 4.70 -2.53
C GLY B 14 -12.42 5.09 -1.20
N ILE B 15 -11.67 4.18 -0.57
CA ILE B 15 -11.03 4.49 0.70
C ILE B 15 -9.99 5.59 0.51
N VAL B 16 -9.17 5.47 -0.53
CA VAL B 16 -8.12 6.46 -0.78
C VAL B 16 -8.74 7.82 -1.06
N THR B 17 -9.85 7.85 -1.80
CA THR B 17 -10.50 9.13 -2.10
C THR B 17 -10.99 9.82 -0.84
N GLU B 18 -11.63 9.07 0.06
CA GLU B 18 -12.06 9.66 1.33
C GLU B 18 -10.87 9.97 2.23
N LEU B 19 -9.82 9.13 2.16
CA LEU B 19 -8.59 9.42 2.89
C LEU B 19 -8.03 10.78 2.47
N ILE B 20 -8.03 11.06 1.18
CA ILE B 20 -7.58 12.36 0.69
C ILE B 20 -8.49 13.46 1.21
N ARG B 21 -9.80 13.20 1.27
CA ARG B 21 -10.73 14.20 1.78
C ARG B 21 -10.50 14.47 3.27
N ASP B 22 -10.30 13.41 4.06
CA ASP B 22 -10.17 13.54 5.51
C ASP B 22 -8.74 13.79 5.97
N TYR B 23 -7.79 13.92 5.05
CA TYR B 23 -6.40 14.11 5.42
C TYR B 23 -6.23 15.40 6.22
N GLN B 24 -5.66 15.29 7.42
CA GLN B 24 -5.35 16.44 8.26
C GLN B 24 -3.84 16.58 8.35
N SER B 25 -3.32 17.76 8.00
CA SER B 25 -1.88 17.98 7.95
C SER B 25 -1.22 17.89 9.32
N SER B 26 -1.97 18.10 10.40
CA SER B 26 -1.39 18.12 11.74
C SER B 26 -1.47 16.78 12.46
N ARG B 27 -2.39 15.91 12.07
CA ARG B 27 -2.57 14.64 12.75
C ARG B 27 -1.54 13.62 12.30
N GLU B 28 -0.99 12.88 13.26
CA GLU B 28 -0.06 11.77 13.00
C GLU B 28 -0.87 10.49 12.97
N ASP B 29 -1.00 9.89 11.78
CA ASP B 29 -1.83 8.71 11.59
C ASP B 29 -1.14 7.76 10.61
N SER B 30 -1.21 6.46 10.91
CA SER B 30 -0.52 5.48 10.09
C SER B 30 -1.12 5.38 8.68
N LEU B 31 -2.43 5.56 8.55
CA LEU B 31 -3.03 5.51 7.21
C LEU B 31 -2.61 6.72 6.38
N GLN B 32 -2.54 7.90 7.01
CA GLN B 32 -2.00 9.06 6.30
C GLN B 32 -0.54 8.87 5.94
N ASP B 33 0.23 8.25 6.84
CA ASP B 33 1.64 7.98 6.55
C ASP B 33 1.78 7.05 5.35
N ALA B 34 0.96 6.00 5.29
CA ALA B 34 1.04 5.05 4.19
C ALA B 34 0.72 5.72 2.86
N TRP B 35 -0.24 6.65 2.85
CA TRP B 35 -0.58 7.33 1.60
C TRP B 35 0.50 8.32 1.19
N ASP B 36 1.06 9.06 2.15
CA ASP B 36 2.18 9.95 1.85
C ASP B 36 3.37 9.16 1.30
N TYR B 37 3.58 7.95 1.80
CA TYR B 37 4.68 7.13 1.31
C TYR B 37 4.47 6.74 -0.15
N VAL B 38 3.24 6.36 -0.51
CA VAL B 38 2.96 5.95 -1.88
C VAL B 38 3.16 7.11 -2.84
N GLN B 39 2.66 8.29 -2.48
CA GLN B 39 2.78 9.45 -3.35
C GLN B 39 4.24 9.85 -3.53
N ALA B 40 5.05 9.72 -2.49
CA ALA B 40 6.45 10.15 -2.56
C ALA B 40 7.31 9.14 -3.31
N GLN B 41 7.06 7.85 -3.13
CA GLN B 41 7.90 6.81 -3.72
C GLN B 41 7.49 6.48 -5.16
N VAL B 42 6.20 6.27 -5.39
CA VAL B 42 5.73 6.01 -6.75
C VAL B 42 5.76 7.28 -7.59
N LYS B 43 5.88 8.44 -6.96
CA LYS B 43 5.90 9.74 -7.63
C LYS B 43 4.58 10.00 -8.34
N CYS B 44 3.54 10.20 -7.52
CA CYS B 44 2.20 10.44 -8.01
C CYS B 44 1.45 11.28 -6.99
N CYS B 45 0.30 11.82 -7.40
CA CYS B 45 -0.50 12.66 -6.53
C CYS B 45 -1.98 12.33 -6.74
N GLY B 46 -2.68 12.09 -5.64
CA GLY B 46 -4.08 11.69 -5.71
C GLY B 46 -4.23 10.26 -6.21
N TRP B 47 -5.48 9.83 -6.29
CA TRP B 47 -5.79 8.49 -6.80
C TRP B 47 -5.97 8.55 -8.32
N VAL B 48 -7.06 9.16 -8.78
CA VAL B 48 -7.26 9.35 -10.21
C VAL B 48 -6.40 10.48 -10.74
N SER B 49 -6.35 11.59 -10.01
CA SER B 49 -5.53 12.74 -10.37
C SER B 49 -5.36 13.60 -9.13
N PHE B 50 -4.40 14.54 -9.20
CA PHE B 50 -4.14 15.40 -8.05
C PHE B 50 -5.30 16.34 -7.76
N TYR B 51 -6.25 16.51 -8.69
CA TYR B 51 -7.40 17.36 -8.44
C TYR B 51 -8.32 16.78 -7.38
N GLN B 52 -8.19 15.49 -7.05
CA GLN B 52 -8.97 14.92 -5.96
C GLN B 52 -8.61 15.54 -4.63
N TRP B 53 -7.42 16.13 -4.51
CA TRP B 53 -7.06 16.86 -3.30
C TRP B 53 -7.86 18.15 -3.16
N THR B 54 -8.47 18.63 -4.24
CA THR B 54 -9.34 19.81 -4.13
C THR B 54 -10.63 19.51 -3.37
N ASP B 55 -10.93 18.25 -3.10
CA ASP B 55 -12.04 17.89 -2.23
C ASP B 55 -11.66 17.92 -0.75
N ASN B 56 -10.39 18.16 -0.44
CA ASN B 56 -9.96 18.35 0.94
C ASN B 56 -10.29 19.77 1.36
N ALA B 57 -11.28 19.91 2.25
CA ALA B 57 -11.75 21.24 2.63
C ALA B 57 -10.66 22.04 3.33
N GLU B 58 -9.89 21.40 4.21
CA GLU B 58 -8.83 22.11 4.92
C GLU B 58 -7.77 22.64 3.96
N LEU B 59 -7.46 21.87 2.91
CA LEU B 59 -6.42 22.29 1.98
C LEU B 59 -6.86 23.48 1.13
N MET B 60 -8.08 23.43 0.61
CA MET B 60 -8.58 24.47 -0.30
C MET B 60 -8.98 25.75 0.42
N ASN B 61 -9.04 25.74 1.76
CA ASN B 61 -9.33 26.96 2.52
C ASN B 61 -8.09 27.78 2.81
N ARG B 62 -6.94 27.40 2.25
CA ARG B 62 -5.71 28.13 2.49
C ARG B 62 -5.64 29.37 1.59
N PRO B 63 -5.13 30.50 2.11
CA PRO B 63 -5.04 31.70 1.29
C PRO B 63 -3.92 31.67 0.27
N GLU B 64 -2.93 30.80 0.44
CA GLU B 64 -1.80 30.70 -0.47
C GLU B 64 -1.85 29.34 -1.19
N VAL B 65 -1.03 29.23 -2.24
CA VAL B 65 -0.89 27.98 -2.97
C VAL B 65 -0.33 26.91 -2.05
N THR B 66 -1.17 25.97 -1.64
CA THR B 66 -0.79 24.94 -0.68
C THR B 66 -1.14 23.57 -1.26
N TYR B 67 -0.25 22.61 -1.07
CA TYR B 67 -0.36 21.29 -1.67
C TYR B 67 0.22 20.28 -0.70
N PRO B 68 -0.10 18.99 -0.87
CA PRO B 68 0.52 17.97 -0.01
C PRO B 68 2.01 17.86 -0.27
N CYS B 69 2.79 17.81 0.82
CA CYS B 69 4.25 17.78 0.68
C CYS B 69 4.71 16.50 0.01
N SER B 70 4.04 15.38 0.28
CA SER B 70 4.43 14.12 -0.33
C SER B 70 4.22 14.11 -1.83
N CYS B 71 3.34 14.98 -2.35
CA CYS B 71 3.12 15.10 -3.78
C CYS B 71 4.22 15.90 -4.49
N GLU B 72 5.01 16.67 -3.76
CA GLU B 72 5.90 17.63 -4.38
C GLU B 72 6.97 16.93 -5.21
N VAL B 73 7.24 17.49 -6.39
CA VAL B 73 8.30 16.99 -7.25
C VAL B 73 9.64 17.24 -6.56
N LYS B 74 10.42 16.18 -6.39
CA LYS B 74 11.70 16.28 -5.71
C LYS B 74 12.62 15.18 -6.22
N GLY B 75 13.93 15.43 -6.09
CA GLY B 75 14.89 14.43 -6.49
C GLY B 75 15.00 13.29 -5.49
N GLU B 76 15.61 12.20 -5.94
CA GLU B 76 15.80 11.02 -5.12
C GLU B 76 17.09 11.14 -4.32
N GLU B 77 17.00 10.94 -3.01
CA GLU B 77 18.15 11.08 -2.12
C GLU B 77 18.98 9.81 -2.10
N ASP B 78 20.23 9.96 -1.65
CA ASP B 78 21.13 8.84 -1.45
C ASP B 78 20.72 8.09 -0.19
N ASN B 79 20.42 6.79 -0.34
CA ASN B 79 20.05 5.92 0.78
C ASN B 79 18.87 6.49 1.57
N SER B 80 17.77 6.74 0.86
CA SER B 80 16.58 7.28 1.47
C SER B 80 15.34 6.99 0.62
N SER B 82 12.55 10.18 3.88
CA SER B 82 12.50 10.60 2.49
C SER B 82 11.09 10.99 2.08
N VAL B 83 10.18 11.03 3.05
CA VAL B 83 8.78 11.34 2.81
C VAL B 83 8.36 12.45 3.76
N ARG B 84 8.00 13.62 3.20
CA ARG B 84 7.52 14.73 3.99
C ARG B 84 5.99 14.71 4.04
N LYS B 85 5.44 14.89 5.23
CA LYS B 85 4.00 14.84 5.46
C LYS B 85 3.43 16.25 5.50
N GLY B 86 2.11 16.33 5.62
CA GLY B 86 1.44 17.59 5.82
C GLY B 86 1.26 18.37 4.52
N PHE B 87 1.01 19.67 4.69
CA PHE B 87 0.78 20.58 3.58
C PHE B 87 1.99 21.50 3.41
N CYS B 88 2.30 21.80 2.15
CA CYS B 88 3.45 22.62 1.80
C CYS B 88 3.00 23.86 1.03
N GLU B 89 3.59 25.01 1.36
CA GLU B 89 3.31 26.25 0.67
C GLU B 89 4.29 26.41 -0.49
N ALA B 90 3.78 26.79 -1.65
CA ALA B 90 4.60 26.81 -2.85
C ALA B 90 5.72 27.85 -2.73
N PRO B 91 6.91 27.54 -3.26
CA PRO B 91 8.00 28.53 -3.22
C PRO B 91 7.70 29.68 -4.18
N GLY B 92 7.91 30.90 -3.69
CA GLY B 92 7.60 32.09 -4.49
C GLY B 92 6.15 32.51 -4.50
N GLN B 93 5.24 31.56 -4.68
CA GLN B 93 3.81 31.84 -4.64
C GLN B 93 3.36 32.15 -3.22
N THR B 95 1.50 36.02 -2.98
CA THR B 95 0.46 36.93 -3.46
C THR B 95 -0.84 36.72 -2.68
N GLN B 96 -0.96 35.55 -2.06
CA GLN B 96 -2.15 35.17 -1.29
C GLN B 96 -3.43 35.35 -2.11
N SER B 97 -3.43 34.75 -3.30
CA SER B 97 -4.56 34.80 -4.21
C SER B 97 -5.39 33.53 -4.16
N GLY B 98 -5.36 32.82 -3.05
CA GLY B 98 -6.07 31.57 -2.90
C GLY B 98 -5.23 30.39 -3.32
N ASN B 99 -5.78 29.19 -3.09
CA ASN B 99 -5.09 27.96 -3.46
C ASN B 99 -5.39 27.64 -4.92
N HIS B 100 -4.35 27.39 -5.69
CA HIS B 100 -4.48 27.15 -7.13
C HIS B 100 -3.90 25.78 -7.48
N PRO B 101 -4.73 24.78 -7.76
CA PRO B 101 -4.18 23.45 -8.06
C PRO B 101 -3.33 23.39 -9.32
N GLU B 102 -3.61 24.24 -10.32
CA GLU B 102 -2.77 24.24 -11.51
C GLU B 102 -1.38 24.80 -11.24
N ASP B 103 -1.13 25.35 -10.05
CA ASP B 103 0.17 25.89 -9.70
C ASP B 103 0.96 24.98 -8.78
N TRP B 104 0.40 23.85 -8.38
CA TRP B 104 1.07 22.94 -7.46
C TRP B 104 2.26 22.30 -8.15
N PRO B 105 3.48 22.42 -7.60
CA PRO B 105 4.65 21.71 -8.15
C PRO B 105 4.65 20.22 -7.79
N VAL B 106 3.56 19.53 -8.12
CA VAL B 106 3.35 18.16 -7.70
C VAL B 106 3.35 17.25 -8.93
N TYR B 107 3.48 15.96 -8.69
CA TYR B 107 3.44 14.97 -9.77
C TYR B 107 2.07 14.98 -10.43
N GLN B 108 2.07 15.02 -11.76
CA GLN B 108 0.84 15.23 -12.52
C GLN B 108 0.04 13.95 -12.76
N GLU B 109 0.57 12.78 -12.44
CA GLU B 109 -0.17 11.53 -12.64
C GLU B 109 -0.76 11.04 -11.33
N GLY B 110 -1.97 10.50 -11.41
CA GLY B 110 -2.58 9.89 -10.25
C GLY B 110 -1.93 8.57 -9.89
N CYS B 111 -2.05 8.21 -8.60
CA CYS B 111 -1.41 6.99 -8.11
C CYS B 111 -2.10 5.72 -8.59
N MET B 112 -3.37 5.80 -8.99
CA MET B 112 -4.04 4.61 -9.50
C MET B 112 -3.30 4.05 -10.70
N GLU B 113 -2.99 4.90 -11.69
CA GLU B 113 -2.33 4.43 -12.90
C GLU B 113 -0.86 4.10 -12.66
N LYS B 114 -0.17 4.90 -11.85
CA LYS B 114 1.27 4.72 -11.70
C LYS B 114 1.62 3.51 -10.84
N VAL B 115 0.78 3.15 -9.87
CA VAL B 115 1.09 1.99 -9.03
C VAL B 115 1.03 0.71 -9.84
N GLN B 116 0.00 0.55 -10.69
CA GLN B 116 -0.07 -0.63 -11.54
C GLN B 116 1.11 -0.70 -12.50
N ALA B 117 1.48 0.44 -13.09
CA ALA B 117 2.67 0.46 -13.94
C ALA B 117 3.93 0.15 -13.14
N TRP B 118 4.01 0.67 -11.92
CA TRP B 118 5.16 0.39 -11.06
C TRP B 118 5.22 -1.09 -10.68
N LEU B 119 4.06 -1.72 -10.45
CA LEU B 119 4.04 -3.13 -10.08
C LEU B 119 4.39 -4.02 -11.26
N GLN B 120 3.88 -3.68 -12.45
CA GLN B 120 4.15 -4.49 -13.64
C GLN B 120 5.56 -4.28 -14.18
N GLU B 121 6.32 -3.35 -13.61
CA GLU B 121 7.67 -3.02 -14.07
C GLU B 121 8.75 -3.66 -13.21
N ASN B 122 8.63 -3.57 -11.88
CA ASN B 122 9.66 -4.04 -10.97
C ASN B 122 9.28 -5.32 -10.24
N LEU B 123 8.12 -5.90 -10.53
CA LEU B 123 7.74 -7.19 -9.94
C LEU B 123 6.56 -7.80 -10.71
#